data_8DIO
#
_entry.id   8DIO
#
_cell.length_a   47.950
_cell.length_b   59.702
_cell.length_c   60.381
_cell.angle_alpha   90.000
_cell.angle_beta   100.307
_cell.angle_gamma   90.000
#
_symmetry.space_group_name_H-M   'P 1 21 1'
#
loop_
_entity.id
_entity.type
_entity.pdbx_description
1 polymer 'La ribonucleoprotein 1, translational regulator'
2 non-polymer '[[(2~{R},3~{S},4~{R},5~{R})-5-(2-azanyl-7-methyl-6-oxidanylidene-1~{H}-purin-9-ium-9-yl)-3,4-bis(oxidanyl)oxolan-2-yl]methoxy-oxidanyl-phosphoryl] [[(2~{R},3~{S},4~{R},5~{R})-5-(4-azanyl-2-oxidanylidene-pyrimidin-1-yl)-3,4-bis(oxidanyl)oxolan-2-yl]methoxy-oxidanyl-phosphoryl] hydrogen phosphate'
3 non-polymer 2-amino-7-methyl-1,7-dihydro-6H-purin-6-one
4 water water
#
_entity_poly.entity_id   1
_entity_poly.type   'polypeptide(L)'
_entity_poly.pdbx_seq_one_letter_code
;QHPSHELLKENGFTQHVYHKYRRRCLNERKRLGIGQSQEMNTLFRFWSFFLRDHFNRKMYEEFRQLSVEDGKEGYRYGLE
CLFRFYSYGLERKFRPDIFKDFQEETVKDYEAGQLYGLEKFWAFLKYSKTKNMEIEPKLQEHLSKFRRLED
;
_entity_poly.pdbx_strand_id   A,B
#
loop_
_chem_comp.id
_chem_comp.type
_chem_comp.name
_chem_comp.formula
91P non-polymer '[[(2~{R},3~{S},4~{R},5~{R})-5-(2-azanyl-7-methyl-6-oxidanylidene-1~{H}-purin-9-ium-9-yl)-3,4-bis(oxidanyl)oxolan-2-yl]methoxy-oxidanyl-phosphoryl] [[(2~{R},3~{S},4~{R},5~{R})-5-(4-azanyl-2-oxidanylidene-pyrimidin-1-yl)-3,4-bis(oxidanyl)oxolan-2-yl]methoxy-oxidanyl-phosphoryl] hydrogen phosphate' 'C20 H30 N8 O18 P3 1'
MY6 non-polymer 2-amino-7-methyl-1,7-dihydro-6H-purin-6-one 'C6 H7 N5 O'
#
# COMPACT_ATOMS: atom_id res chain seq x y z
N GLN A 1 11.10 -16.34 17.67
CA GLN A 1 11.88 -17.25 16.82
C GLN A 1 12.77 -16.47 15.82
N HIS A 2 12.20 -15.58 15.04
CA HIS A 2 12.99 -14.83 14.03
C HIS A 2 13.69 -13.63 14.67
N PRO A 3 14.99 -13.40 14.37
CA PRO A 3 15.69 -12.29 15.05
C PRO A 3 14.94 -10.96 15.03
N SER A 4 14.28 -10.64 13.92
CA SER A 4 13.51 -9.40 13.91
C SER A 4 12.46 -9.41 15.02
N HIS A 5 11.94 -10.59 15.38
CA HIS A 5 10.87 -10.65 16.38
C HIS A 5 11.45 -10.57 17.78
N GLU A 6 12.60 -11.21 18.02
CA GLU A 6 13.31 -10.99 19.27
C GLU A 6 13.65 -9.51 19.44
N LEU A 7 14.24 -8.90 18.42
CA LEU A 7 14.66 -7.50 18.55
C LEU A 7 13.49 -6.56 18.82
N LEU A 8 12.27 -6.96 18.47
CA LEU A 8 11.14 -6.04 18.62
C LEU A 8 10.46 -6.16 19.97
N LYS A 9 10.80 -7.16 20.78
CA LYS A 9 10.14 -7.38 22.04
C LYS A 9 10.63 -6.39 23.11
N GLU A 10 9.97 -6.46 24.25
CA GLU A 10 10.22 -5.54 25.35
C GLU A 10 11.66 -5.64 25.79
N ASN A 11 12.37 -4.52 25.77
CA ASN A 11 13.80 -4.47 26.06
C ASN A 11 14.51 -5.69 25.44
N GLY A 12 14.20 -5.98 24.18
CA GLY A 12 14.80 -7.13 23.53
C GLY A 12 15.86 -6.74 22.51
N PHE A 13 16.00 -5.46 22.21
CA PHE A 13 17.04 -5.03 21.29
C PHE A 13 18.41 -5.22 21.94
N THR A 14 19.28 -5.98 21.28
CA THR A 14 20.70 -6.00 21.61
C THR A 14 21.48 -5.70 20.34
N GLN A 15 22.67 -5.12 20.54
CA GLN A 15 23.44 -4.62 19.41
C GLN A 15 24.10 -5.76 18.65
N HIS A 16 24.51 -6.81 19.36
CA HIS A 16 25.18 -7.90 18.65
C HIS A 16 24.20 -8.72 17.85
N VAL A 17 22.96 -8.89 18.35
CA VAL A 17 21.96 -9.61 17.58
C VAL A 17 21.57 -8.79 16.36
N TYR A 18 21.41 -7.47 16.54
CA TYR A 18 21.01 -6.63 15.41
C TYR A 18 22.13 -6.55 14.36
N HIS A 19 23.38 -6.43 14.81
CA HIS A 19 24.48 -6.30 13.85
C HIS A 19 24.57 -7.55 12.98
N LYS A 20 24.51 -8.73 13.59
CA LYS A 20 24.49 -9.99 12.86
C LYS A 20 23.36 -10.02 11.82
N TYR A 21 22.14 -9.71 12.28
CA TYR A 21 20.97 -9.80 11.43
C TYR A 21 21.04 -8.83 10.25
N ARG A 22 21.36 -7.56 10.53
CA ARG A 22 21.56 -6.55 9.50
C ARG A 22 22.53 -7.00 8.42
N ARG A 23 23.73 -7.39 8.82
CA ARG A 23 24.79 -7.78 7.91
C ARG A 23 24.34 -8.90 6.98
N ARG A 24 23.74 -9.95 7.52
CA ARG A 24 23.18 -11.01 6.68
C ARG A 24 22.17 -10.45 5.67
N CYS A 25 21.21 -9.65 6.15
CA CYS A 25 20.23 -9.03 5.25
C CYS A 25 20.89 -8.20 4.16
N LEU A 26 21.74 -7.24 4.55
CA LEU A 26 22.44 -6.44 3.53
C LEU A 26 23.32 -7.32 2.64
N ASN A 27 24.00 -8.31 3.21
CA ASN A 27 24.78 -9.22 2.39
C ASN A 27 23.89 -9.93 1.37
N GLU A 28 22.74 -10.45 1.82
CA GLU A 28 21.83 -11.13 0.89
C GLU A 28 21.20 -10.16 -0.13
N ARG A 29 20.99 -8.89 0.22
CA ARG A 29 20.56 -7.92 -0.79
C ARG A 29 21.59 -7.79 -1.92
N LYS A 30 22.88 -7.71 -1.60
CA LYS A 30 23.88 -7.59 -2.65
C LYS A 30 23.99 -8.89 -3.45
N ARG A 31 24.04 -10.03 -2.76
CA ARG A 31 24.27 -11.29 -3.46
C ARG A 31 23.15 -11.59 -4.43
N LEU A 32 21.91 -11.53 -3.95
CA LEU A 32 20.73 -11.93 -4.72
C LEU A 32 20.16 -10.81 -5.56
N GLY A 33 20.33 -9.57 -5.14
CA GLY A 33 19.85 -8.44 -5.91
C GLY A 33 18.71 -7.73 -5.19
N ILE A 34 18.59 -6.43 -5.46
CA ILE A 34 17.50 -5.64 -4.91
C ILE A 34 16.17 -6.32 -5.17
N GLY A 35 15.34 -6.36 -4.15
CA GLY A 35 13.99 -6.87 -4.29
C GLY A 35 13.90 -8.37 -4.36
N GLN A 36 15.01 -9.06 -4.23
CA GLN A 36 15.07 -10.49 -4.40
C GLN A 36 15.45 -11.23 -3.11
N SER A 37 15.68 -10.50 -2.01
CA SER A 37 15.92 -11.10 -0.70
C SER A 37 14.71 -10.88 0.22
N GLN A 38 14.07 -11.99 0.63
CA GLN A 38 12.98 -11.89 1.58
C GLN A 38 13.49 -11.52 2.96
N GLU A 39 14.72 -11.92 3.29
CA GLU A 39 15.26 -11.47 4.58
C GLU A 39 15.44 -9.96 4.61
N MET A 40 15.78 -9.36 3.46
CA MET A 40 15.87 -7.91 3.41
C MET A 40 14.53 -7.29 3.68
N ASN A 41 13.45 -7.94 3.21
CA ASN A 41 12.10 -7.45 3.45
C ASN A 41 11.75 -7.46 4.93
N THR A 42 12.20 -8.48 5.66
N THR A 42 12.17 -8.52 5.66
CA THR A 42 11.98 -8.50 7.10
CA THR A 42 11.98 -8.54 7.11
C THR A 42 12.69 -7.34 7.80
C THR A 42 12.68 -7.36 7.80
N LEU A 43 13.81 -6.88 7.23
CA LEU A 43 14.54 -5.75 7.83
C LEU A 43 13.84 -4.41 7.57
N PHE A 44 13.31 -4.22 6.34
CA PHE A 44 12.44 -3.07 6.08
C PHE A 44 11.28 -3.03 7.08
N ARG A 45 10.70 -4.18 7.39
CA ARG A 45 9.56 -4.18 8.29
C ARG A 45 9.99 -4.07 9.76
N PHE A 46 11.16 -4.63 10.12
CA PHE A 46 11.70 -4.34 11.45
C PHE A 46 11.93 -2.84 11.63
N TRP A 47 12.58 -2.21 10.64
CA TRP A 47 12.86 -0.77 10.76
C TRP A 47 11.55 0.03 10.86
N SER A 48 10.58 -0.30 10.03
CA SER A 48 9.32 0.43 10.06
C SER A 48 8.71 0.47 11.46
N PHE A 49 8.79 -0.64 12.20
CA PHE A 49 8.19 -0.71 13.53
C PHE A 49 9.15 -0.22 14.60
N PHE A 50 10.40 -0.70 14.56
CA PHE A 50 11.36 -0.34 15.60
C PHE A 50 11.50 1.18 15.72
N LEU A 51 11.75 1.86 14.59
CA LEU A 51 12.07 3.28 14.68
C LEU A 51 10.89 4.15 15.15
N ARG A 52 9.67 3.62 15.22
CA ARG A 52 8.55 4.38 15.73
C ARG A 52 8.77 4.77 17.18
N ASP A 53 9.27 3.83 17.98
CA ASP A 53 9.49 4.00 19.40
C ASP A 53 10.95 4.05 19.83
N HIS A 54 11.89 3.64 19.01
CA HIS A 54 13.33 3.75 19.34
C HIS A 54 14.03 4.34 18.13
N PHE A 55 13.67 5.57 17.83
CA PHE A 55 14.29 6.27 16.73
C PHE A 55 15.79 6.35 16.92
N ASN A 56 16.52 6.13 15.82
CA ASN A 56 17.97 6.34 15.74
C ASN A 56 18.25 6.93 14.37
N ARG A 57 19.08 7.98 14.33
CA ARG A 57 19.19 8.73 13.09
C ARG A 57 19.89 7.91 12.01
N LYS A 58 21.00 7.30 12.36
CA LYS A 58 21.76 6.54 11.37
C LYS A 58 20.95 5.39 10.81
N MET A 59 20.20 4.71 11.66
CA MET A 59 19.36 3.61 11.20
C MET A 59 18.24 4.15 10.32
N TYR A 60 17.72 5.35 10.66
CA TYR A 60 16.69 5.99 9.85
C TYR A 60 17.22 6.35 8.46
N GLU A 61 18.46 6.86 8.39
CA GLU A 61 19.06 7.26 7.13
C GLU A 61 19.36 6.10 6.19
N GLU A 62 19.67 4.92 6.75
CA GLU A 62 19.89 3.72 5.93
C GLU A 62 18.57 3.16 5.41
N PHE A 63 17.58 3.08 6.29
CA PHE A 63 16.21 2.74 5.93
C PHE A 63 15.71 3.60 4.78
N ARG A 64 15.72 4.92 4.95
CA ARG A 64 15.26 5.82 3.89
C ARG A 64 16.08 5.64 2.62
N GLN A 65 17.42 5.62 2.76
CA GLN A 65 18.29 5.43 1.59
C GLN A 65 18.00 4.13 0.86
N LEU A 66 17.96 3.01 1.57
CA LEU A 66 17.79 1.71 0.89
C LEU A 66 16.37 1.54 0.32
N SER A 67 15.35 2.10 0.98
CA SER A 67 13.97 1.95 0.47
C SER A 67 13.75 2.84 -0.76
N VAL A 68 14.38 4.02 -0.80
CA VAL A 68 14.28 4.88 -1.97
C VAL A 68 15.00 4.24 -3.15
N GLU A 69 16.17 3.63 -2.91
CA GLU A 69 16.87 2.84 -3.93
C GLU A 69 15.98 1.71 -4.47
N ASP A 70 15.44 0.88 -3.57
CA ASP A 70 14.54 -0.18 -3.99
C ASP A 70 13.37 0.38 -4.82
N GLY A 71 12.82 1.51 -4.39
CA GLY A 71 11.63 2.05 -5.02
C GLY A 71 11.85 2.44 -6.47
N LYS A 72 13.05 2.97 -6.77
CA LYS A 72 13.38 3.36 -8.14
C LYS A 72 13.62 2.15 -9.06
N GLU A 73 14.16 1.04 -8.51
CA GLU A 73 14.28 -0.19 -9.27
C GLU A 73 12.96 -0.91 -9.49
N GLY A 74 11.91 -0.58 -8.72
CA GLY A 74 10.61 -1.16 -8.93
C GLY A 74 10.08 -2.00 -7.77
N TYR A 75 10.77 -2.01 -6.64
CA TYR A 75 10.40 -2.83 -5.49
C TYR A 75 9.99 -1.85 -4.41
N ARG A 76 8.69 -1.74 -4.18
CA ARG A 76 8.16 -0.67 -3.37
C ARG A 76 7.88 -1.08 -1.93
N TYR A 77 8.14 -2.32 -1.54
CA TYR A 77 7.81 -2.73 -0.18
C TYR A 77 8.54 -1.86 0.84
N GLY A 78 9.82 -1.56 0.59
CA GLY A 78 10.54 -0.70 1.53
C GLY A 78 9.94 0.69 1.67
N LEU A 79 9.61 1.33 0.54
CA LEU A 79 8.94 2.62 0.60
C LEU A 79 7.59 2.52 1.32
N GLU A 80 6.83 1.47 1.04
CA GLU A 80 5.57 1.28 1.79
C GLU A 80 5.84 1.23 3.30
N CYS A 81 6.85 0.44 3.70
CA CYS A 81 7.31 0.44 5.09
C CYS A 81 7.72 1.84 5.55
N LEU A 82 8.51 2.56 4.73
CA LEU A 82 8.97 3.89 5.12
C LEU A 82 7.80 4.81 5.41
N PHE A 83 6.77 4.77 4.55
CA PHE A 83 5.64 5.69 4.65
C PHE A 83 4.78 5.38 5.85
N ARG A 84 4.69 4.10 6.22
CA ARG A 84 4.02 3.76 7.46
C ARG A 84 4.83 4.28 8.64
N PHE A 85 6.15 4.16 8.59
CA PHE A 85 6.96 4.69 9.68
C PHE A 85 6.71 6.18 9.84
N TYR A 86 6.65 6.91 8.73
CA TYR A 86 6.38 8.35 8.80
C TYR A 86 5.00 8.63 9.40
N SER A 87 3.98 7.93 8.90
CA SER A 87 2.61 8.24 9.26
C SER A 87 2.30 7.85 10.70
N TYR A 88 2.74 6.67 11.13
CA TYR A 88 2.51 6.21 12.49
C TYR A 88 3.56 6.72 13.46
N GLY A 89 4.81 6.92 13.01
CA GLY A 89 5.84 7.39 13.93
C GLY A 89 5.71 8.87 14.27
N LEU A 90 5.42 9.71 13.28
CA LEU A 90 5.24 11.14 13.56
C LEU A 90 4.02 11.39 14.42
N GLU A 91 3.08 10.44 14.44
CA GLU A 91 1.96 10.55 15.37
C GLU A 91 2.40 10.24 16.78
N ARG A 92 3.29 9.26 16.95
CA ARG A 92 3.80 9.01 18.29
C ARG A 92 4.60 10.21 18.79
N LYS A 93 5.62 10.62 18.01
CA LYS A 93 6.52 11.70 18.39
C LYS A 93 6.79 12.57 17.17
N PHE A 94 6.28 13.78 17.19
CA PHE A 94 6.51 14.69 16.08
C PHE A 94 7.95 15.19 16.10
N ARG A 95 8.61 15.11 14.93
CA ARG A 95 9.97 15.64 14.74
C ARG A 95 9.94 16.46 13.46
N PRO A 96 10.14 17.79 13.51
CA PRO A 96 9.98 18.59 12.27
C PRO A 96 10.95 18.21 11.16
N ASP A 97 12.18 17.74 11.48
CA ASP A 97 13.10 17.34 10.40
C ASP A 97 12.59 16.08 9.72
N ILE A 98 12.08 15.13 10.49
CA ILE A 98 11.53 13.92 9.87
C ILE A 98 10.28 14.29 9.06
N PHE A 99 9.49 15.26 9.53
CA PHE A 99 8.30 15.72 8.82
C PHE A 99 8.64 16.30 7.44
N LYS A 100 9.72 17.09 7.36
CA LYS A 100 10.18 17.61 6.07
C LYS A 100 10.58 16.49 5.12
N ASP A 101 11.29 15.48 5.63
CA ASP A 101 11.60 14.31 4.80
C ASP A 101 10.31 13.67 4.27
N PHE A 102 9.32 13.48 5.16
CA PHE A 102 8.03 12.89 4.82
C PHE A 102 7.37 13.64 3.65
N GLN A 103 7.46 14.97 3.68
CA GLN A 103 6.92 15.78 2.59
C GLN A 103 7.71 15.56 1.31
N GLU A 104 9.06 15.57 1.42
CA GLU A 104 9.90 15.34 0.24
C GLU A 104 9.60 14.00 -0.42
N GLU A 105 9.57 12.92 0.35
CA GLU A 105 9.31 11.62 -0.29
C GLU A 105 7.88 11.48 -0.82
N THR A 106 6.90 12.09 -0.16
CA THR A 106 5.51 12.03 -0.65
C THR A 106 5.36 12.74 -2.00
N VAL A 107 5.92 13.95 -2.13
CA VAL A 107 5.85 14.69 -3.40
C VAL A 107 6.54 13.92 -4.51
N LYS A 108 7.64 13.24 -4.18
CA LYS A 108 8.32 12.35 -5.12
C LYS A 108 7.45 11.16 -5.50
N ASP A 109 6.83 10.52 -4.50
CA ASP A 109 5.93 9.40 -4.77
C ASP A 109 4.81 9.86 -5.71
N TYR A 110 4.16 10.97 -5.39
CA TYR A 110 3.07 11.46 -6.23
C TYR A 110 3.56 11.79 -7.64
N GLU A 111 4.71 12.46 -7.76
CA GLU A 111 5.25 12.76 -9.09
C GLU A 111 5.58 11.50 -9.88
N ALA A 112 5.81 10.38 -9.19
CA ALA A 112 5.94 9.09 -9.87
C ALA A 112 4.59 8.46 -10.22
N GLY A 113 3.46 9.12 -10.02
CA GLY A 113 2.18 8.51 -10.36
C GLY A 113 1.76 7.43 -9.38
N GLN A 114 2.21 7.50 -8.14
CA GLN A 114 1.71 6.62 -7.08
C GLN A 114 0.91 7.43 -6.09
N LEU A 115 0.01 6.76 -5.38
CA LEU A 115 -0.78 7.41 -4.33
C LEU A 115 -0.51 6.86 -2.93
N TYR A 116 0.28 5.80 -2.77
CA TYR A 116 0.41 5.21 -1.46
C TYR A 116 0.96 6.23 -0.45
N GLY A 117 2.01 6.95 -0.86
CA GLY A 117 2.58 7.94 0.05
C GLY A 117 1.63 9.07 0.34
N LEU A 118 1.00 9.63 -0.70
CA LEU A 118 0.07 10.74 -0.51
C LEU A 118 -1.06 10.37 0.46
N GLU A 119 -1.56 9.14 0.40
CA GLU A 119 -2.62 8.73 1.31
C GLU A 119 -2.11 8.58 2.75
N LYS A 120 -0.90 8.07 2.94
CA LYS A 120 -0.37 8.02 4.28
C LYS A 120 -0.19 9.43 4.86
N PHE A 121 0.21 10.38 4.02
CA PHE A 121 0.36 11.77 4.49
C PHE A 121 -1.00 12.34 4.90
N TRP A 122 -2.00 12.20 4.03
CA TRP A 122 -3.35 12.63 4.39
C TRP A 122 -3.80 11.96 5.68
N ALA A 123 -3.48 10.67 5.85
CA ALA A 123 -3.91 9.96 7.05
C ALA A 123 -3.19 10.48 8.29
N PHE A 124 -1.89 10.76 8.18
CA PHE A 124 -1.19 11.45 9.26
C PHE A 124 -1.94 12.74 9.67
N LEU A 125 -2.37 13.55 8.68
CA LEU A 125 -3.02 14.82 9.02
C LEU A 125 -4.35 14.59 9.73
N LYS A 126 -5.06 13.52 9.37
CA LYS A 126 -6.35 13.23 9.99
C LYS A 126 -6.18 12.75 11.41
N TYR A 127 -5.08 12.03 11.69
CA TYR A 127 -4.89 11.42 13.00
C TYR A 127 -4.04 12.23 13.96
N SER A 128 -3.29 13.21 13.47
CA SER A 128 -2.27 13.88 14.28
C SER A 128 -2.87 15.00 15.13
N LYS A 129 -2.23 15.20 16.30
CA LYS A 129 -2.58 16.27 17.23
C LYS A 129 -1.60 17.43 17.14
N THR A 130 -0.58 17.36 16.29
CA THR A 130 0.37 18.46 16.14
C THR A 130 -0.25 19.66 15.43
N LYS A 131 0.08 20.84 15.92
CA LYS A 131 -0.51 22.11 15.51
C LYS A 131 0.54 22.99 14.82
N ASN A 132 0.08 23.85 13.91
CA ASN A 132 0.94 24.77 13.16
C ASN A 132 2.04 24.05 12.36
N MET A 133 1.71 22.91 11.77
CA MET A 133 2.61 22.24 10.84
C MET A 133 2.68 22.98 9.51
N GLU A 134 3.88 23.27 9.02
CA GLU A 134 4.07 23.96 7.75
C GLU A 134 4.09 22.95 6.60
N ILE A 135 3.11 23.03 5.70
CA ILE A 135 2.98 22.08 4.60
C ILE A 135 3.47 22.74 3.31
N GLU A 136 4.36 22.06 2.59
CA GLU A 136 4.90 22.60 1.35
C GLU A 136 3.77 23.03 0.40
N PRO A 137 3.94 24.13 -0.34
CA PRO A 137 2.86 24.54 -1.26
C PRO A 137 2.56 23.50 -2.32
N LYS A 138 3.59 22.87 -2.88
CA LYS A 138 3.30 21.88 -3.92
C LYS A 138 2.45 20.76 -3.35
N LEU A 139 2.88 20.19 -2.22
CA LEU A 139 2.13 19.10 -1.59
C LEU A 139 0.72 19.54 -1.20
N GLN A 140 0.58 20.75 -0.68
CA GLN A 140 -0.76 21.20 -0.33
C GLN A 140 -1.68 21.12 -1.54
N GLU A 141 -1.15 21.35 -2.75
CA GLU A 141 -1.99 21.31 -3.94
C GLU A 141 -2.47 19.90 -4.22
N HIS A 142 -1.55 18.92 -4.14
CA HIS A 142 -1.90 17.55 -4.45
C HIS A 142 -2.91 17.00 -3.45
N LEU A 143 -2.74 17.31 -2.16
CA LEU A 143 -3.72 16.87 -1.17
C LEU A 143 -5.10 17.46 -1.42
N SER A 144 -5.16 18.59 -2.14
CA SER A 144 -6.41 19.26 -2.44
C SER A 144 -7.37 18.38 -3.22
N LYS A 145 -6.87 17.26 -3.76
CA LYS A 145 -7.72 16.35 -4.52
C LYS A 145 -8.61 15.53 -3.60
N PHE A 146 -8.20 15.34 -2.34
CA PHE A 146 -8.96 14.50 -1.43
C PHE A 146 -10.09 15.23 -0.73
N ARG A 147 -10.04 16.58 -0.71
CA ARG A 147 -11.16 17.34 -0.21
C ARG A 147 -12.43 17.07 -1.01
N ARG A 148 -12.32 16.78 -2.31
CA ARG A 148 -13.54 16.55 -3.08
C ARG A 148 -14.20 15.22 -2.69
N LEU A 149 -13.41 14.22 -2.28
CA LEU A 149 -13.94 12.94 -1.83
C LEU A 149 -14.52 13.01 -0.43
N GLU A 150 -14.39 14.17 0.23
CA GLU A 150 -15.02 14.52 1.50
C GLU A 150 -16.01 13.56 2.12
N GLN B 1 -18.99 16.92 -3.13
CA GLN B 1 -19.88 16.73 -4.24
C GLN B 1 -19.24 16.03 -5.42
N HIS B 2 -18.02 15.50 -5.25
CA HIS B 2 -17.40 14.70 -6.32
C HIS B 2 -18.30 13.52 -6.66
N PRO B 3 -18.42 13.13 -7.94
CA PRO B 3 -19.34 12.04 -8.29
C PRO B 3 -19.15 10.76 -7.49
N SER B 4 -17.93 10.25 -7.37
CA SER B 4 -17.72 9.04 -6.59
C SER B 4 -18.30 9.19 -5.17
N HIS B 5 -18.06 10.33 -4.52
CA HIS B 5 -18.60 10.55 -3.18
C HIS B 5 -20.13 10.43 -3.15
N GLU B 6 -20.83 11.11 -4.06
CA GLU B 6 -22.30 11.06 -4.08
C GLU B 6 -22.81 9.63 -4.30
N LEU B 7 -22.09 8.84 -5.11
CA LEU B 7 -22.52 7.50 -5.47
C LEU B 7 -22.30 6.50 -4.33
N LEU B 8 -21.34 6.75 -3.44
CA LEU B 8 -21.05 5.88 -2.32
C LEU B 8 -21.98 6.11 -1.14
N LYS B 9 -22.86 7.12 -1.19
CA LYS B 9 -23.83 7.34 -0.14
C LYS B 9 -25.02 6.39 -0.27
N GLU B 10 -25.63 6.06 0.86
CA GLU B 10 -26.80 5.19 0.84
C GLU B 10 -27.91 5.84 0.03
N ASN B 11 -28.60 5.03 -0.79
CA ASN B 11 -29.66 5.50 -1.67
C ASN B 11 -29.19 6.62 -2.61
N GLY B 12 -27.89 6.70 -2.88
CA GLY B 12 -27.31 7.82 -3.62
C GLY B 12 -26.81 7.44 -5.01
N PHE B 13 -26.70 6.13 -5.25
CA PHE B 13 -26.30 5.62 -6.55
C PHE B 13 -27.43 5.78 -7.57
N THR B 14 -27.08 6.25 -8.77
CA THR B 14 -27.96 6.16 -9.93
C THR B 14 -27.11 5.72 -11.11
N GLN B 15 -27.75 5.03 -12.05
CA GLN B 15 -27.03 4.53 -13.22
C GLN B 15 -26.54 5.68 -14.11
N HIS B 16 -27.29 6.77 -14.18
CA HIS B 16 -26.94 7.88 -15.04
C HIS B 16 -25.67 8.57 -14.59
N VAL B 17 -25.60 8.99 -13.32
CA VAL B 17 -24.39 9.60 -12.81
C VAL B 17 -23.21 8.63 -12.94
N TYR B 18 -23.43 7.36 -12.62
CA TYR B 18 -22.31 6.42 -12.66
C TYR B 18 -21.73 6.38 -14.08
N HIS B 19 -22.61 6.29 -15.10
CA HIS B 19 -22.14 6.10 -16.47
C HIS B 19 -21.47 7.35 -17.03
N LYS B 20 -22.02 8.54 -16.75
CA LYS B 20 -21.32 9.77 -17.10
C LYS B 20 -19.91 9.79 -16.50
N TYR B 21 -19.82 9.47 -15.22
CA TYR B 21 -18.55 9.59 -14.51
C TYR B 21 -17.56 8.54 -14.99
N ARG B 22 -18.00 7.29 -15.10
CA ARG B 22 -17.16 6.24 -15.68
C ARG B 22 -16.66 6.65 -17.05
N ARG B 23 -17.56 7.17 -17.90
CA ARG B 23 -17.17 7.52 -19.27
C ARG B 23 -16.06 8.56 -19.29
N ARG B 24 -16.20 9.62 -18.49
CA ARG B 24 -15.16 10.65 -18.43
C ARG B 24 -13.83 10.08 -17.95
N CYS B 25 -13.86 9.13 -17.01
CA CYS B 25 -12.62 8.54 -16.48
C CYS B 25 -11.88 7.74 -17.55
N LEU B 26 -12.59 6.86 -18.25
CA LEU B 26 -11.94 6.03 -19.28
C LEU B 26 -11.46 6.90 -20.43
N ASN B 27 -12.16 7.99 -20.71
CA ASN B 27 -11.71 8.92 -21.73
C ASN B 27 -10.42 9.59 -21.32
N GLU B 28 -10.38 10.08 -20.08
CA GLU B 28 -9.14 10.64 -19.57
C GLU B 28 -8.03 9.63 -19.67
N ARG B 29 -8.29 8.39 -19.25
CA ARG B 29 -7.23 7.38 -19.26
C ARG B 29 -6.73 7.12 -20.67
N LYS B 30 -7.57 7.36 -21.69
CA LYS B 30 -7.16 7.20 -23.09
C LYS B 30 -6.46 8.43 -23.64
N ARG B 31 -6.89 9.63 -23.23
CA ARG B 31 -6.23 10.84 -23.74
C ARG B 31 -4.84 10.98 -23.15
N LEU B 32 -4.75 10.91 -21.81
CA LEU B 32 -3.50 11.09 -21.07
C LEU B 32 -2.68 9.81 -20.94
N GLY B 33 -3.34 8.68 -20.78
CA GLY B 33 -2.64 7.42 -20.74
C GLY B 33 -2.67 6.76 -19.37
N ILE B 34 -2.34 5.47 -19.37
CA ILE B 34 -2.40 4.67 -18.15
C ILE B 34 -1.64 5.37 -17.04
N GLY B 35 -2.19 5.32 -15.83
CA GLY B 35 -1.58 5.94 -14.68
C GLY B 35 -1.52 7.46 -14.69
N GLN B 36 -1.99 8.11 -15.75
CA GLN B 36 -1.85 9.55 -15.83
C GLN B 36 -3.06 10.32 -15.32
N SER B 37 -4.24 9.70 -15.26
CA SER B 37 -5.49 10.38 -14.91
C SER B 37 -5.80 10.21 -13.42
N GLN B 38 -5.86 11.34 -12.71
CA GLN B 38 -6.27 11.31 -11.31
C GLN B 38 -7.73 10.87 -11.19
N GLU B 39 -8.56 11.22 -12.20
CA GLU B 39 -9.97 10.88 -12.13
C GLU B 39 -10.17 9.37 -12.21
N MET B 40 -9.46 8.74 -13.14
CA MET B 40 -9.39 7.28 -13.16
C MET B 40 -9.02 6.72 -11.79
N ASN B 41 -8.12 7.40 -11.07
CA ASN B 41 -7.76 6.94 -9.74
C ASN B 41 -8.94 6.98 -8.79
N THR B 42 -9.77 8.02 -8.90
N THR B 42 -9.79 8.03 -8.92
CA THR B 42 -11.00 8.06 -8.12
CA THR B 42 -11.02 8.07 -8.12
C THR B 42 -11.90 6.87 -8.43
C THR B 42 -11.94 6.90 -8.43
N LEU B 43 -11.91 6.41 -9.67
CA LEU B 43 -12.77 5.30 -10.05
C LEU B 43 -12.30 3.98 -9.42
N PHE B 44 -10.99 3.70 -9.45
CA PHE B 44 -10.44 2.56 -8.72
C PHE B 44 -10.90 2.58 -7.25
N ARG B 45 -10.89 3.76 -6.64
CA ARG B 45 -11.27 3.87 -5.24
C ARG B 45 -12.75 3.65 -5.05
N PHE B 46 -13.58 4.23 -5.94
CA PHE B 46 -15.01 4.02 -5.86
C PHE B 46 -15.33 2.53 -5.92
N TRP B 47 -14.74 1.82 -6.89
CA TRP B 47 -15.07 0.40 -7.05
C TRP B 47 -14.65 -0.39 -5.83
N SER B 48 -13.45 -0.10 -5.29
CA SER B 48 -12.96 -0.81 -4.13
C SER B 48 -13.96 -0.75 -2.99
N PHE B 49 -14.58 0.40 -2.75
CA PHE B 49 -15.53 0.51 -1.66
C PHE B 49 -16.91 -0.01 -2.04
N PHE B 50 -17.39 0.38 -3.22
CA PHE B 50 -18.74 0.03 -3.65
C PHE B 50 -18.95 -1.48 -3.72
N LEU B 51 -18.02 -2.20 -4.37
CA LEU B 51 -18.25 -3.60 -4.65
C LEU B 51 -18.26 -4.48 -3.40
N ARG B 52 -17.91 -3.94 -2.24
CA ARG B 52 -18.03 -4.73 -1.02
C ARG B 52 -19.49 -4.98 -0.65
N ASP B 53 -20.34 -3.94 -0.72
CA ASP B 53 -21.75 -4.06 -0.33
C ASP B 53 -22.72 -4.20 -1.50
N HIS B 54 -22.29 -3.92 -2.74
CA HIS B 54 -23.16 -4.00 -3.91
C HIS B 54 -22.37 -4.64 -5.04
N PHE B 55 -21.87 -5.85 -4.81
CA PHE B 55 -21.07 -6.52 -5.82
C PHE B 55 -21.81 -6.56 -7.14
N ASN B 56 -21.06 -6.29 -8.19
CA ASN B 56 -21.61 -6.24 -9.55
C ASN B 56 -20.58 -6.89 -10.45
N ARG B 57 -21.01 -7.87 -11.26
CA ARG B 57 -20.03 -8.59 -12.07
C ARG B 57 -19.44 -7.68 -13.14
N LYS B 58 -20.24 -6.78 -13.72
CA LYS B 58 -19.73 -5.92 -14.78
C LYS B 58 -18.68 -4.97 -14.23
N MET B 59 -18.96 -4.35 -13.09
CA MET B 59 -18.00 -3.46 -12.44
C MET B 59 -16.73 -4.23 -12.08
N TYR B 60 -16.89 -5.35 -11.37
CA TYR B 60 -15.73 -6.05 -10.86
C TYR B 60 -14.80 -6.44 -11.99
N GLU B 61 -15.36 -6.99 -13.07
CA GLU B 61 -14.56 -7.41 -14.22
C GLU B 61 -13.69 -6.28 -14.74
N GLU B 62 -14.29 -5.12 -15.02
CA GLU B 62 -13.50 -4.00 -15.51
C GLU B 62 -12.50 -3.51 -14.46
N PHE B 63 -12.90 -3.52 -13.18
CA PHE B 63 -12.01 -3.18 -12.06
C PHE B 63 -10.75 -4.04 -12.08
N ARG B 64 -10.93 -5.35 -12.21
CA ARG B 64 -9.79 -6.26 -12.24
C ARG B 64 -8.91 -6.03 -13.46
N GLN B 65 -9.52 -5.89 -14.66
CA GLN B 65 -8.73 -5.78 -15.86
CA GLN B 65 -8.71 -5.80 -15.86
C GLN B 65 -7.91 -4.50 -15.90
N LEU B 66 -8.57 -3.37 -15.59
CA LEU B 66 -7.85 -2.09 -15.69
C LEU B 66 -6.80 -1.94 -14.60
N SER B 67 -7.09 -2.39 -13.38
CA SER B 67 -6.11 -2.31 -12.30
C SER B 67 -4.91 -3.20 -12.61
N VAL B 68 -5.13 -4.36 -13.23
CA VAL B 68 -4.01 -5.23 -13.60
C VAL B 68 -3.22 -4.65 -14.77
N GLU B 69 -3.93 -4.10 -15.76
CA GLU B 69 -3.23 -3.45 -16.87
C GLU B 69 -2.34 -2.30 -16.36
N ASP B 70 -2.86 -1.51 -15.42
CA ASP B 70 -2.12 -0.40 -14.83
C ASP B 70 -0.88 -0.88 -14.09
N GLY B 71 -1.06 -1.86 -13.19
CA GLY B 71 0.04 -2.46 -12.49
C GLY B 71 1.02 -3.13 -13.43
N LYS B 72 0.53 -3.54 -14.58
CA LYS B 72 1.38 -3.89 -15.71
C LYS B 72 1.84 -2.62 -16.44
N GLU B 73 2.03 -1.49 -15.74
CA GLU B 73 3.01 -0.46 -16.16
C GLU B 73 3.87 0.00 -14.99
N GLY B 74 3.57 -0.44 -13.77
CA GLY B 74 4.22 0.05 -12.57
C GLY B 74 3.33 0.88 -11.67
N TYR B 75 2.18 1.34 -12.15
CA TYR B 75 1.24 2.12 -11.34
C TYR B 75 0.44 1.16 -10.48
N ARG B 76 0.60 1.25 -9.17
CA ARG B 76 0.05 0.26 -8.26
C ARG B 76 -1.24 0.67 -7.54
N TYR B 77 -1.76 1.88 -7.75
CA TYR B 77 -2.93 2.27 -6.96
C TYR B 77 -4.16 1.45 -7.29
N GLY B 78 -4.41 1.17 -8.58
CA GLY B 78 -5.51 0.29 -8.91
C GLY B 78 -5.38 -1.08 -8.24
N LEU B 79 -4.23 -1.72 -8.38
CA LEU B 79 -4.04 -3.03 -7.74
C LEU B 79 -4.19 -2.93 -6.23
N GLU B 80 -3.68 -1.87 -5.63
CA GLU B 80 -3.87 -1.67 -4.20
C GLU B 80 -5.35 -1.55 -3.87
N CYS B 81 -6.11 -0.86 -4.71
CA CYS B 81 -7.56 -0.79 -4.50
C CYS B 81 -8.20 -2.16 -4.66
N LEU B 82 -7.78 -2.92 -5.68
CA LEU B 82 -8.29 -4.28 -5.90
C LEU B 82 -8.02 -5.20 -4.70
N PHE B 83 -6.82 -5.14 -4.12
CA PHE B 83 -6.52 -6.05 -3.02
C PHE B 83 -7.29 -5.68 -1.76
N ARG B 84 -7.47 -4.39 -1.52
CA ARG B 84 -8.32 -3.99 -0.40
C ARG B 84 -9.73 -4.49 -0.60
N PHE B 85 -10.20 -4.54 -1.85
CA PHE B 85 -11.55 -5.04 -2.12
C PHE B 85 -11.65 -6.52 -1.79
N TYR B 86 -10.70 -7.31 -2.29
CA TYR B 86 -10.62 -8.72 -1.95
C TYR B 86 -10.62 -8.95 -0.44
N SER B 87 -9.68 -8.31 0.24
CA SER B 87 -9.46 -8.57 1.67
C SER B 87 -10.72 -8.28 2.48
N TYR B 88 -11.23 -7.06 2.39
CA TYR B 88 -12.40 -6.71 3.20
C TYR B 88 -13.69 -7.19 2.55
N GLY B 89 -13.67 -7.41 1.23
CA GLY B 89 -14.85 -7.87 0.55
C GLY B 89 -15.18 -9.29 0.99
N LEU B 90 -14.26 -10.22 0.77
CA LEU B 90 -14.53 -11.60 1.09
C LEU B 90 -14.87 -11.79 2.57
N GLU B 91 -14.49 -10.83 3.42
CA GLU B 91 -15.01 -10.85 4.79
C GLU B 91 -16.51 -10.51 4.82
N ARG B 92 -16.92 -9.49 4.07
CA ARG B 92 -18.33 -9.10 4.05
C ARG B 92 -19.20 -10.20 3.42
N LYS B 93 -18.80 -10.74 2.27
CA LYS B 93 -19.55 -11.82 1.62
C LYS B 93 -18.62 -12.66 0.77
N PHE B 94 -18.41 -13.92 1.16
CA PHE B 94 -17.41 -14.78 0.54
C PHE B 94 -17.94 -15.38 -0.75
N ARG B 95 -17.18 -15.23 -1.83
CA ARG B 95 -17.55 -15.78 -3.14
C ARG B 95 -16.44 -16.69 -3.61
N PRO B 96 -16.69 -17.98 -3.84
CA PRO B 96 -15.59 -18.90 -4.14
C PRO B 96 -14.81 -18.53 -5.39
N ASP B 97 -15.47 -18.01 -6.44
CA ASP B 97 -14.72 -17.64 -7.63
C ASP B 97 -13.89 -16.37 -7.40
N ILE B 98 -14.39 -15.43 -6.59
CA ILE B 98 -13.62 -14.22 -6.27
C ILE B 98 -12.46 -14.56 -5.33
N PHE B 99 -12.64 -15.55 -4.47
CA PHE B 99 -11.53 -15.98 -3.64
C PHE B 99 -10.42 -16.62 -4.49
N LYS B 100 -10.82 -17.36 -5.53
CA LYS B 100 -9.87 -17.88 -6.50
C LYS B 100 -9.16 -16.75 -7.24
N ASP B 101 -9.91 -15.71 -7.64
CA ASP B 101 -9.30 -14.58 -8.33
C ASP B 101 -8.28 -13.90 -7.42
N PHE B 102 -8.64 -13.75 -6.15
CA PHE B 102 -7.74 -13.23 -5.13
C PHE B 102 -6.42 -14.00 -5.12
N GLN B 103 -6.48 -15.34 -5.15
CA GLN B 103 -5.24 -16.09 -4.98
C GLN B 103 -4.31 -15.88 -6.17
N GLU B 104 -4.88 -15.89 -7.37
CA GLU B 104 -4.12 -15.69 -8.58
C GLU B 104 -3.43 -14.33 -8.57
N GLU B 105 -4.18 -13.25 -8.38
CA GLU B 105 -3.53 -11.95 -8.42
C GLU B 105 -2.47 -11.84 -7.36
N THR B 106 -2.66 -12.55 -6.24
CA THR B 106 -1.68 -12.46 -5.15
C THR B 106 -0.42 -13.24 -5.49
N VAL B 107 -0.56 -14.45 -6.01
CA VAL B 107 0.60 -15.17 -6.52
C VAL B 107 1.33 -14.30 -7.55
N LYS B 108 0.59 -13.69 -8.48
CA LYS B 108 1.26 -12.89 -9.50
C LYS B 108 2.00 -11.69 -8.92
N ASP B 109 1.39 -10.98 -7.96
CA ASP B 109 2.01 -9.79 -7.35
C ASP B 109 3.32 -10.14 -6.63
N TYR B 110 3.31 -11.23 -5.87
CA TYR B 110 4.52 -11.68 -5.21
C TYR B 110 5.60 -12.03 -6.23
N GLU B 111 5.23 -12.73 -7.31
CA GLU B 111 6.18 -13.03 -8.38
C GLU B 111 6.67 -11.77 -9.09
N ALA B 112 5.95 -10.63 -8.99
CA ALA B 112 6.43 -9.33 -9.49
C ALA B 112 7.33 -8.60 -8.47
N GLY B 113 7.70 -9.24 -7.37
CA GLY B 113 8.58 -8.64 -6.39
C GLY B 113 7.90 -7.78 -5.34
N GLN B 114 6.58 -7.82 -5.24
CA GLN B 114 5.83 -6.97 -4.31
C GLN B 114 5.18 -7.82 -3.23
N LEU B 115 4.85 -7.16 -2.13
CA LEU B 115 4.27 -7.82 -0.99
C LEU B 115 2.93 -7.22 -0.56
N TYR B 116 2.43 -6.18 -1.23
CA TYR B 116 1.17 -5.59 -0.78
C TYR B 116 0.03 -6.61 -0.87
N GLY B 117 -0.04 -7.36 -1.97
CA GLY B 117 -1.12 -8.31 -2.12
C GLY B 117 -1.01 -9.48 -1.14
N LEU B 118 0.20 -9.99 -0.93
CA LEU B 118 0.35 -11.10 -0.01
C LEU B 118 -0.03 -10.70 1.42
N GLU B 119 0.27 -9.45 1.83
CA GLU B 119 -0.14 -8.99 3.16
C GLU B 119 -1.66 -8.93 3.28
N LYS B 120 -2.35 -8.39 2.28
CA LYS B 120 -3.82 -8.36 2.35
C LYS B 120 -4.39 -9.78 2.41
N PHE B 121 -3.81 -10.69 1.64
CA PHE B 121 -4.27 -12.08 1.70
C PHE B 121 -4.05 -12.68 3.09
N TRP B 122 -2.86 -12.47 3.67
CA TRP B 122 -2.60 -12.97 5.01
C TRP B 122 -3.56 -12.37 6.03
N ALA B 123 -3.86 -11.07 5.90
CA ALA B 123 -4.82 -10.43 6.81
C ALA B 123 -6.20 -11.07 6.67
N PHE B 124 -6.68 -11.20 5.43
CA PHE B 124 -7.96 -11.89 5.19
C PHE B 124 -8.04 -13.18 5.99
N LEU B 125 -7.02 -14.04 5.85
CA LEU B 125 -7.00 -15.29 6.62
C LEU B 125 -6.99 -15.03 8.12
N LYS B 126 -6.30 -13.98 8.57
CA LYS B 126 -6.27 -13.64 9.99
C LYS B 126 -7.52 -12.92 10.46
N TYR B 127 -8.56 -12.82 9.63
CA TYR B 127 -9.82 -12.22 10.05
C TYR B 127 -11.06 -12.92 9.49
N SER B 128 -10.97 -13.65 8.39
CA SER B 128 -12.12 -14.34 7.85
C SER B 128 -12.67 -15.36 8.85
N LYS B 129 -14.00 -15.46 8.91
CA LYS B 129 -14.66 -16.42 9.78
C LYS B 129 -15.06 -17.71 9.07
N THR B 130 -14.73 -17.86 7.78
CA THR B 130 -14.97 -19.11 7.07
C THR B 130 -14.65 -18.98 5.59
N ASN B 132 -11.91 -25.03 6.99
CA ASN B 132 -11.54 -23.76 6.36
C ASN B 132 -11.72 -23.84 4.84
N MET B 133 -10.91 -23.07 4.11
CA MET B 133 -10.96 -22.94 2.66
C MET B 133 -9.74 -23.63 2.05
N GLU B 134 -9.78 -23.84 0.73
CA GLU B 134 -8.68 -24.50 0.02
C GLU B 134 -7.72 -23.44 -0.55
N ILE B 135 -6.44 -23.52 -0.16
CA ILE B 135 -5.42 -22.52 -0.49
C ILE B 135 -4.40 -23.14 -1.45
N GLU B 136 -4.09 -22.42 -2.52
CA GLU B 136 -3.21 -22.93 -3.56
C GLU B 136 -1.84 -23.29 -2.96
N PRO B 137 -1.28 -24.45 -3.30
CA PRO B 137 0.01 -24.84 -2.68
C PRO B 137 1.11 -23.79 -2.80
N LYS B 138 1.36 -23.28 -4.01
CA LYS B 138 2.41 -22.27 -4.19
C LYS B 138 2.16 -21.02 -3.35
N LEU B 139 0.90 -20.58 -3.28
CA LEU B 139 0.57 -19.47 -2.38
C LEU B 139 0.73 -19.88 -0.92
N GLN B 140 0.40 -21.12 -0.60
CA GLN B 140 0.64 -21.65 0.75
C GLN B 140 2.11 -21.53 1.15
N GLU B 141 3.03 -21.80 0.21
CA GLU B 141 4.46 -21.70 0.54
C GLU B 141 4.83 -20.24 0.82
N HIS B 142 4.43 -19.32 -0.07
CA HIS B 142 4.85 -17.92 0.05
C HIS B 142 4.41 -17.31 1.36
N LEU B 143 3.41 -17.92 2.01
CA LEU B 143 2.81 -17.34 3.21
C LEU B 143 3.61 -17.68 4.46
N SER B 144 4.09 -18.92 4.59
CA SER B 144 4.62 -19.41 5.86
C SER B 144 5.75 -18.58 6.42
N LYS B 145 6.32 -17.65 5.64
CA LYS B 145 7.35 -16.76 6.16
C LYS B 145 6.75 -15.57 6.89
N PHE B 146 5.55 -15.15 6.50
CA PHE B 146 4.84 -14.08 7.21
C PHE B 146 4.15 -14.62 8.46
N ARG B 147 4.86 -15.45 9.26
CA ARG B 147 4.38 -15.96 10.55
C ARG B 147 5.22 -15.44 11.71
N ARG B 148 6.54 -15.59 11.63
CA ARG B 148 7.45 -14.92 12.57
C ARG B 148 7.81 -13.56 11.96
C22 91P C . -1.76 0.61 6.58
C26 91P C . -0.60 -2.39 8.27
C28 91P C . -1.64 -1.69 7.55
C01 91P C . -6.21 3.51 12.45
C03 91P C . -5.84 3.82 9.81
C05 91P C . -4.53 4.87 7.93
C07 91P C . -6.12 4.75 6.14
C08 91P C . -7.30 3.85 6.36
C23 91P C . -0.99 -0.51 7.08
C25 91P C . 0.26 -1.45 8.93
C31 91P C . -1.00 -1.50 11.13
C32 91P C . -1.20 -1.32 12.44
C33 91P C . -0.04 -0.72 13.14
C35 91P C . 1.02 -0.77 10.81
C38 91P C . -4.95 3.92 5.81
C40 91P C . -4.24 3.65 7.10
C42 91P C . -3.97 5.31 10.25
C43 91P C . -4.30 5.03 11.56
C44 91P C . -3.59 5.58 12.70
C47 91P C . -2.21 6.70 11.25
N02 91P C . -5.47 4.08 11.35
N04 91P C . -4.78 4.66 9.35
N30 91P C . 0.21 -1.22 10.33
N34 91P C . 1.17 -0.45 12.14
N37 91P C . 0.13 -0.38 14.56
N46 91P C . -2.61 6.37 12.52
N48 91P C . -2.79 6.24 10.05
N49 91P C . -1.10 7.62 11.17
O06 91P C . -5.75 5.50 7.36
O09 91P C . -6.90 2.81 7.26
O11 91P C . -7.51 0.44 8.13
O12 91P C . -8.11 0.91 5.95
O13 91P C . -5.67 0.45 6.24
O15 91P C . -6.61 1.21 3.91
O16 91P C . -6.50 -1.10 4.40
O17 91P C . -4.22 0.20 3.87
O19 91P C . -3.54 -0.99 5.79
O20 91P C . -2.31 -1.63 3.99
O21 91P C . -1.71 0.60 5.13
O24 91P C . -0.21 -0.01 8.34
O27 91P C . 0.26 -3.07 7.26
O29 91P C . -2.04 -2.43 6.34
O36 91P C . 2.19 -0.45 10.09
O39 91P C . -4.04 4.65 4.95
O41 91P C . -2.85 3.45 6.75
O45 91P C . -3.96 5.29 14.02
P10 91P C . -7.01 1.14 6.93
P14 91P C . -5.76 0.17 4.59
P18 91P C . -2.87 -0.43 4.60
H221 91P C . -1.35 1.54 6.95
H222 91P C . -2.79 0.52 6.90
H261 91P C . -1.07 -3.06 8.98
H281 91P C . -2.50 -1.53 8.18
H011 91P C . -6.05 2.43 12.48
H013 91P C . -7.27 3.71 12.31
H012 91P C . -5.87 3.94 13.38
H031 91P C . -6.60 3.24 9.31
H051 91P C . -3.63 5.46 7.86
H071 91P C . -6.38 5.46 5.35
H082 91P C . -7.63 3.42 5.43
H081 91P C . -8.13 4.40 6.81
H231 91P C . -0.44 -0.81 6.19
H251 91P C . 1.25 -1.87 8.74
H311 91P C . -1.69 -2.23 10.66
H321 91P C . -2.19 -1.29 12.86
H381 91P C . -5.28 3.01 5.32
H401 91P C . -4.59 2.79 7.65
H371 91P C . -0.19 0.47 14.94
H372 91P C . 0.64 -1.06 15.18
H461 91P C . -2.12 6.75 13.30
H491 91P C . -1.03 8.25 10.40
H492 91P C . -0.42 7.64 11.92
H271 91P C . 0.81 -2.41 6.84
H291 91P C . -1.27 -2.75 5.89
H391 91P C . -3.82 5.47 5.34
H411 91P C . -2.36 3.24 7.55
C1 MY6 D . -8.31 -4.56 10.95
N2 MY6 D . -6.16 -5.19 8.50
C3 MY6 D . -6.55 -4.71 9.56
N4 MY6 D . -7.66 -5.07 9.75
C5 MY6 D . -8.39 -5.88 9.01
C6 MY6 D . -9.70 -6.45 8.96
O7 MY6 D . -10.63 -6.24 9.98
N8 MY6 D . -10.06 -7.29 7.91
C9 MY6 D . -9.02 -7.52 6.86
N10 MY6 D . -9.35 -8.38 5.74
N11 MY6 D . -7.71 -6.92 6.91
C12 MY6 D . -7.29 -6.06 7.94
H1 MY6 D . -9.35 -4.33 10.73
H1A MY6 D . -7.81 -3.67 11.29
H1B MY6 D . -8.27 -5.32 11.73
H3 MY6 D . -6.11 -3.84 10.03
HN8 MY6 D . -10.97 -7.70 7.86
HN10 MY6 D . -9.74 -9.29 5.90
HN1A MY6 D . -9.19 -8.06 4.79
#